data_5VE7
#
_entry.id   5VE7
#
_cell.length_a   63.250
_cell.length_b   108.480
_cell.length_c   124.510
_cell.angle_alpha   90.000
_cell.angle_beta   90.000
_cell.angle_gamma   90.000
#
_symmetry.space_group_name_H-M   'I 2 2 2'
#
loop_
_entity.id
_entity.type
_entity.pdbx_description
1 polymer 'UTP--glucose-1-phosphate uridylyltransferase'
2 non-polymer "URIDINE 5'-TRIPHOSPHATE"
3 water water
#
_entity_poly.entity_id   1
_entity_poly.type   'polypeptide(L)'
_entity_poly.pdbx_seq_one_letter_code
;MAHHHHHHMLKVNKAVFPVAGLGTRFLPATKASPKEMLPVVDKPLIQYAVEEAIAAGITEMIFVTGRSKRAIEDHFDKSY
EVEAELEARGKAKLLELVRSIKPSHVDCFYVRQPEALGLGHAVLCAEKLVADNPFAVILADDLLDGNPPVMKQMVDVFDH
YHSSVIGVEEIPPSETKSYGIVDGKEWEESIVKMSAIVEKPAPEVAPSNLGVVGRYILKPRIFEHLRALKPGAGGELQLT
DAIQALLADEQVLAYKYQGTRYDCGSKLGYLKATVEFALRHPEVGTEFDAYLRTRGNAHPAA
;
_entity_poly.pdbx_strand_id   A
#
loop_
_chem_comp.id
_chem_comp.type
_chem_comp.name
_chem_comp.formula
UTP non-polymer 'URIDINE 5'-TRIPHOSPHATE' 'C9 H15 N2 O15 P3'
#
# COMPACT_ATOMS: atom_id res chain seq x y z
N LEU A 10 -14.32 14.99 -4.06
CA LEU A 10 -14.96 15.00 -2.75
C LEU A 10 -14.04 14.37 -1.68
N LYS A 11 -14.55 13.40 -0.92
CA LYS A 11 -13.78 12.78 0.16
C LYS A 11 -13.29 11.39 -0.21
N VAL A 12 -12.13 11.03 0.32
CA VAL A 12 -11.53 9.73 0.11
C VAL A 12 -12.01 8.80 1.21
N ASN A 13 -13.00 7.97 0.91
CA ASN A 13 -13.54 7.04 1.88
C ASN A 13 -13.07 5.61 1.68
N LYS A 14 -12.50 5.28 0.52
CA LYS A 14 -12.22 3.92 0.13
C LYS A 14 -10.74 3.74 -0.16
N ALA A 15 -10.22 2.57 0.21
CA ALA A 15 -8.87 2.18 -0.13
C ALA A 15 -8.93 0.79 -0.74
N VAL A 16 -8.25 0.63 -1.87
CA VAL A 16 -8.13 -0.65 -2.55
C VAL A 16 -6.78 -1.21 -2.21
N PHE A 17 -6.76 -2.45 -1.69
CA PHE A 17 -5.50 -3.11 -1.35
C PHE A 17 -5.31 -4.30 -2.27
N PRO A 18 -4.49 -4.19 -3.32
CA PRO A 18 -4.15 -5.37 -4.12
C PRO A 18 -3.28 -6.31 -3.31
N VAL A 19 -3.74 -7.53 -3.12
CA VAL A 19 -3.05 -8.52 -2.31
C VAL A 19 -3.14 -9.84 -3.05
N ALA A 20 -3.15 -9.76 -4.39
CA ALA A 20 -3.36 -10.91 -5.25
C ALA A 20 -2.10 -11.29 -6.02
N GLY A 21 -0.96 -10.65 -5.75
CA GLY A 21 0.27 -11.05 -6.41
C GLY A 21 0.68 -12.45 -6.04
N LEU A 22 1.49 -13.07 -6.91
CA LEU A 22 1.89 -14.45 -6.67
C LEU A 22 2.84 -14.57 -5.49
N GLY A 23 3.63 -13.54 -5.19
CA GLY A 23 4.53 -13.61 -4.06
C GLY A 23 5.60 -14.68 -4.15
N THR A 24 6.07 -15.02 -5.37
CA THR A 24 7.11 -16.03 -5.54
C THR A 24 8.42 -15.64 -4.87
N ARG A 25 8.68 -14.36 -4.67
CA ARG A 25 9.93 -13.98 -4.01
C ARG A 25 9.96 -14.37 -2.53
N PHE A 26 8.85 -14.81 -1.97
CA PHE A 26 8.83 -15.28 -0.59
C PHE A 26 8.36 -16.72 -0.46
N LEU A 27 8.35 -17.48 -1.56
CA LEU A 27 8.23 -18.92 -1.44
C LEU A 27 9.41 -19.45 -0.65
N PRO A 28 9.22 -20.46 0.22
CA PRO A 28 7.96 -21.20 0.41
C PRO A 28 6.91 -20.57 1.35
N ALA A 29 7.26 -19.50 2.07
CA ALA A 29 6.32 -18.98 3.07
C ALA A 29 5.01 -18.53 2.43
N THR A 30 5.08 -17.98 1.22
CA THR A 30 3.87 -17.55 0.54
C THR A 30 3.11 -18.66 -0.17
N LYS A 31 3.46 -19.94 0.01
CA LYS A 31 2.73 -20.98 -0.69
C LYS A 31 1.22 -20.85 -0.48
N ALA A 32 0.77 -20.65 0.76
CA ALA A 32 -0.64 -20.63 1.08
C ALA A 32 -1.02 -19.40 1.90
N SER A 33 -0.22 -18.35 1.83
CA SER A 33 -0.49 -17.09 2.49
C SER A 33 0.12 -16.02 1.58
N PRO A 34 -0.61 -14.96 1.26
CA PRO A 34 -0.04 -13.95 0.37
C PRO A 34 1.08 -13.20 1.07
N LYS A 35 1.93 -12.60 0.24
CA LYS A 35 3.07 -11.85 0.74
C LYS A 35 2.62 -10.77 1.70
N GLU A 36 1.46 -10.15 1.44
CA GLU A 36 1.00 -9.05 2.29
C GLU A 36 0.61 -9.52 3.68
N MET A 37 0.49 -10.83 3.90
CA MET A 37 0.26 -11.35 5.24
C MET A 37 1.55 -11.62 6.00
N LEU A 38 2.72 -11.41 5.41
CA LEU A 38 3.95 -11.61 6.17
C LEU A 38 3.95 -10.72 7.40
N PRO A 39 4.37 -11.22 8.55
CA PRO A 39 4.43 -10.36 9.73
C PRO A 39 5.75 -9.62 9.79
N VAL A 40 5.65 -8.36 10.18
CA VAL A 40 6.81 -7.60 10.62
C VAL A 40 6.71 -7.54 12.13
N VAL A 41 7.57 -8.33 12.79
CA VAL A 41 7.56 -8.58 14.22
C VAL A 41 6.32 -9.41 14.56
N ASP A 42 5.16 -8.77 14.72
CA ASP A 42 3.98 -9.50 15.17
C ASP A 42 2.72 -9.08 14.42
N LYS A 43 2.86 -8.45 13.24
CA LYS A 43 1.76 -7.80 12.59
C LYS A 43 1.90 -7.89 11.08
N PRO A 44 0.88 -8.38 10.39
CA PRO A 44 0.99 -8.54 8.93
C PRO A 44 1.14 -7.20 8.24
N LEU A 45 1.89 -7.22 7.13
CA LEU A 45 2.05 -6.03 6.30
C LEU A 45 0.70 -5.39 6.02
N ILE A 46 -0.29 -6.20 5.63
CA ILE A 46 -1.58 -5.65 5.23
C ILE A 46 -2.24 -4.92 6.38
N GLN A 47 -1.99 -5.34 7.62
CA GLN A 47 -2.58 -4.61 8.74
C GLN A 47 -1.92 -3.24 8.93
N TYR A 48 -0.59 -3.17 8.84
CA TYR A 48 0.09 -1.87 8.77
C TYR A 48 -0.56 -0.98 7.71
N ALA A 49 -0.81 -1.53 6.52
CA ALA A 49 -1.39 -0.74 5.43
C ALA A 49 -2.80 -0.26 5.76
N VAL A 50 -3.62 -1.13 6.35
CA VAL A 50 -4.99 -0.76 6.67
C VAL A 50 -5.00 0.27 7.79
N GLU A 51 -4.09 0.13 8.76
CA GLU A 51 -4.03 1.10 9.84
C GLU A 51 -3.64 2.48 9.30
N GLU A 52 -2.75 2.50 8.31
CA GLU A 52 -2.42 3.75 7.65
C GLU A 52 -3.67 4.34 6.98
N ALA A 53 -4.44 3.50 6.28
CA ALA A 53 -5.68 3.98 5.65
C ALA A 53 -6.63 4.56 6.69
N ILE A 54 -6.81 3.85 7.81
CA ILE A 54 -7.70 4.30 8.88
C ILE A 54 -7.26 5.66 9.40
N ALA A 55 -5.95 5.83 9.62
CA ALA A 55 -5.41 7.09 10.10
C ALA A 55 -5.70 8.22 9.12
N ALA A 56 -5.88 7.88 7.84
CA ALA A 56 -6.17 8.86 6.81
C ALA A 56 -7.66 9.15 6.68
N GLY A 57 -8.51 8.59 7.53
CA GLY A 57 -9.93 8.85 7.46
C GLY A 57 -10.68 7.96 6.51
N ILE A 58 -10.02 6.95 5.95
CA ILE A 58 -10.65 5.97 5.09
C ILE A 58 -11.35 4.95 5.99
N THR A 59 -12.58 4.54 5.61
CA THR A 59 -13.37 3.63 6.42
C THR A 59 -13.80 2.37 5.66
N GLU A 60 -13.43 2.26 4.41
CA GLU A 60 -13.90 1.17 3.55
C GLU A 60 -12.69 0.54 2.88
N MET A 61 -12.39 -0.69 3.24
CA MET A 61 -11.20 -1.39 2.78
C MET A 61 -11.64 -2.44 1.77
N ILE A 62 -11.12 -2.33 0.56
CA ILE A 62 -11.45 -3.21 -0.54
C ILE A 62 -10.20 -4.01 -0.85
N PHE A 63 -10.29 -5.32 -0.72
CA PHE A 63 -9.14 -6.22 -0.88
C PHE A 63 -9.34 -6.96 -2.18
N VAL A 64 -8.37 -6.84 -3.08
CA VAL A 64 -8.37 -7.61 -4.32
C VAL A 64 -7.52 -8.83 -4.06
N THR A 65 -8.16 -9.97 -3.88
CA THR A 65 -7.49 -11.19 -3.47
C THR A 65 -7.16 -12.08 -4.67
N GLY A 66 -6.15 -12.91 -4.48
CA GLY A 66 -5.83 -13.93 -5.46
C GLY A 66 -5.78 -15.28 -4.78
N ARG A 67 -4.64 -15.95 -4.89
CA ARG A 67 -4.38 -17.12 -4.08
C ARG A 67 -4.46 -16.78 -2.59
N SER A 68 -5.00 -17.73 -1.83
CA SER A 68 -4.97 -17.68 -0.36
C SER A 68 -5.78 -16.51 0.16
N LYS A 69 -6.91 -16.25 -0.48
CA LYS A 69 -7.75 -15.13 -0.04
C LYS A 69 -8.14 -15.26 1.44
N ARG A 70 -8.28 -16.48 1.95
CA ARG A 70 -8.83 -16.60 3.28
CA ARG A 70 -8.77 -16.72 3.30
C ARG A 70 -7.83 -16.17 4.36
N ALA A 71 -6.53 -16.18 4.08
CA ALA A 71 -5.59 -15.61 5.03
C ALA A 71 -5.89 -14.12 5.25
N ILE A 72 -6.20 -13.41 4.18
CA ILE A 72 -6.53 -12.00 4.28
C ILE A 72 -7.88 -11.81 4.95
N GLU A 73 -8.88 -12.57 4.49
CA GLU A 73 -10.24 -12.41 4.98
C GLU A 73 -10.34 -12.79 6.45
N ASP A 74 -9.74 -13.91 6.84
CA ASP A 74 -9.85 -14.32 8.23
C ASP A 74 -9.01 -13.44 9.14
N HIS A 75 -8.02 -12.74 8.60
CA HIS A 75 -7.28 -11.79 9.43
C HIS A 75 -8.16 -10.60 9.81
N PHE A 76 -8.98 -10.11 8.88
CA PHE A 76 -9.79 -8.93 9.16
C PHE A 76 -11.21 -9.25 9.60
N ASP A 77 -11.81 -10.36 9.14
CA ASP A 77 -13.15 -10.69 9.58
C ASP A 77 -13.15 -11.15 11.03
N LYS A 78 -14.33 -11.08 11.64
CA LYS A 78 -14.49 -11.61 12.99
C LYS A 78 -14.16 -13.09 13.01
N SER A 79 -13.46 -13.51 14.07
CA SER A 79 -13.18 -14.93 14.28
C SER A 79 -13.77 -15.31 15.62
N TYR A 80 -14.87 -16.08 15.58
CA TYR A 80 -15.50 -16.57 16.80
C TYR A 80 -14.52 -17.35 17.65
N GLU A 81 -13.77 -18.25 17.02
CA GLU A 81 -12.90 -19.16 17.76
C GLU A 81 -11.88 -18.40 18.60
N VAL A 82 -11.21 -17.38 18.02
CA VAL A 82 -10.17 -16.68 18.77
C VAL A 82 -10.77 -15.86 19.89
N GLU A 83 -11.95 -15.28 19.67
CA GLU A 83 -12.54 -14.53 20.76
C GLU A 83 -13.09 -15.45 21.85
N ALA A 84 -13.72 -16.58 21.46
CA ALA A 84 -14.15 -17.54 22.48
C ALA A 84 -12.96 -18.10 23.24
N GLU A 85 -11.82 -18.23 22.56
CA GLU A 85 -10.60 -18.68 23.22
C GLU A 85 -10.05 -17.62 24.15
N LEU A 86 -10.01 -16.35 23.70
CA LEU A 86 -9.52 -15.28 24.56
C LEU A 86 -10.53 -14.95 25.65
N GLU A 87 -11.83 -15.04 25.35
CA GLU A 87 -12.85 -14.82 26.36
C GLU A 87 -12.70 -15.82 27.51
N ALA A 88 -12.53 -17.09 27.17
CA ALA A 88 -12.45 -18.18 28.13
C ALA A 88 -11.26 -18.03 29.07
N ARG A 89 -10.42 -17.01 28.84
CA ARG A 89 -9.20 -16.81 29.62
C ARG A 89 -9.06 -15.41 30.18
N GLY A 90 -10.11 -14.58 30.14
CA GLY A 90 -10.04 -13.24 30.69
C GLY A 90 -8.92 -12.36 30.17
N LYS A 91 -8.38 -12.67 28.99
CA LYS A 91 -7.27 -11.90 28.42
C LYS A 91 -7.85 -10.68 27.69
N ALA A 92 -8.19 -9.65 28.48
CA ALA A 92 -8.96 -8.53 27.95
C ALA A 92 -8.13 -7.60 27.08
N LYS A 93 -6.86 -7.38 27.40
CA LYS A 93 -6.06 -6.48 26.57
C LYS A 93 -5.80 -7.09 25.19
N LEU A 94 -5.57 -8.40 25.16
CA LEU A 94 -5.44 -9.11 23.89
C LEU A 94 -6.74 -9.08 23.10
N LEU A 95 -7.88 -9.14 23.81
CA LEU A 95 -9.16 -9.07 23.12
C LEU A 95 -9.36 -7.71 22.46
N GLU A 96 -9.01 -6.63 23.16
CA GLU A 96 -9.08 -5.31 22.55
C GLU A 96 -8.14 -5.22 21.36
N LEU A 97 -6.96 -5.82 21.48
CA LEU A 97 -5.99 -5.82 20.40
C LEU A 97 -6.55 -6.51 19.16
N VAL A 98 -7.12 -7.70 19.34
CA VAL A 98 -7.66 -8.44 18.22
C VAL A 98 -8.82 -7.69 17.58
N ARG A 99 -9.67 -7.08 18.40
CA ARG A 99 -10.83 -6.41 17.85
C ARG A 99 -10.43 -5.15 17.08
N SER A 100 -9.36 -4.49 17.50
CA SER A 100 -8.87 -3.30 16.80
C SER A 100 -8.27 -3.62 15.43
N ILE A 101 -8.09 -4.90 15.06
CA ILE A 101 -7.73 -5.23 13.69
C ILE A 101 -8.73 -4.62 12.71
N LYS A 102 -10.01 -4.63 13.07
CA LYS A 102 -11.06 -4.04 12.24
C LYS A 102 -11.98 -3.26 13.16
N PRO A 103 -11.66 -1.99 13.41
CA PRO A 103 -12.49 -1.18 14.32
C PRO A 103 -13.92 -1.06 13.81
N SER A 104 -14.79 -0.64 14.70
CA SER A 104 -16.14 -0.29 14.28
C SER A 104 -16.07 0.89 13.33
N HIS A 105 -17.01 0.93 12.41
CA HIS A 105 -17.13 1.91 11.34
C HIS A 105 -16.12 1.62 10.24
N VAL A 106 -15.32 0.55 10.31
CA VAL A 106 -14.45 0.14 9.21
C VAL A 106 -15.04 -1.11 8.57
N ASP A 107 -15.23 -1.06 7.27
CA ASP A 107 -15.82 -2.13 6.48
C ASP A 107 -14.76 -2.78 5.60
N CYS A 108 -14.83 -4.09 5.46
CA CYS A 108 -13.95 -4.85 4.59
C CYS A 108 -14.77 -5.52 3.52
N PHE A 109 -14.47 -5.22 2.26
CA PHE A 109 -15.11 -5.84 1.12
C PHE A 109 -14.04 -6.60 0.34
N TYR A 110 -14.45 -7.70 -0.27
CA TYR A 110 -13.50 -8.56 -0.96
C TYR A 110 -13.92 -8.69 -2.41
N VAL A 111 -12.93 -8.66 -3.31
CA VAL A 111 -13.16 -8.98 -4.71
C VAL A 111 -12.00 -9.82 -5.21
N ARG A 112 -12.30 -10.72 -6.12
CA ARG A 112 -11.35 -11.69 -6.63
C ARG A 112 -10.69 -11.18 -7.89
N GLN A 113 -9.38 -11.31 -7.96
CA GLN A 113 -8.73 -11.24 -9.25
C GLN A 113 -8.51 -12.68 -9.67
N PRO A 114 -9.35 -13.23 -10.57
CA PRO A 114 -9.20 -14.65 -10.96
C PRO A 114 -7.80 -15.03 -11.43
N GLU A 115 -7.18 -14.20 -12.28
CA GLU A 115 -5.87 -14.46 -12.86
C GLU A 115 -4.90 -13.39 -12.42
N ALA A 116 -3.68 -13.80 -12.06
CA ALA A 116 -2.69 -12.83 -11.63
C ALA A 116 -2.20 -12.08 -12.87
N LEU A 117 -3.02 -11.15 -13.34
CA LEU A 117 -2.72 -10.41 -14.57
C LEU A 117 -2.05 -9.06 -14.30
N GLY A 118 -1.61 -8.81 -13.08
CA GLY A 118 -0.82 -7.64 -12.77
C GLY A 118 -1.60 -6.61 -11.95
N LEU A 119 -0.86 -5.56 -11.58
CA LEU A 119 -1.35 -4.58 -10.62
C LEU A 119 -2.47 -3.74 -11.19
N GLY A 120 -2.28 -3.22 -12.40
CA GLY A 120 -3.31 -2.41 -13.02
C GLY A 120 -4.61 -3.18 -13.20
N HIS A 121 -4.51 -4.46 -13.55
CA HIS A 121 -5.71 -5.26 -13.66
C HIS A 121 -6.34 -5.50 -12.30
N ALA A 122 -5.51 -5.68 -11.27
CA ALA A 122 -6.05 -5.84 -9.93
C ALA A 122 -6.87 -4.61 -9.53
N VAL A 123 -6.34 -3.42 -9.83
CA VAL A 123 -7.07 -2.19 -9.54
C VAL A 123 -8.38 -2.15 -10.32
N LEU A 124 -8.35 -2.60 -11.57
CA LEU A 124 -9.55 -2.58 -12.41
C LEU A 124 -10.63 -3.49 -11.85
N CYS A 125 -10.24 -4.58 -11.17
CA CYS A 125 -11.23 -5.48 -10.56
C CYS A 125 -12.08 -4.76 -9.52
N ALA A 126 -11.54 -3.73 -8.89
CA ALA A 126 -12.25 -2.99 -7.86
C ALA A 126 -13.14 -1.87 -8.40
N GLU A 127 -13.26 -1.72 -9.72
CA GLU A 127 -13.90 -0.53 -10.30
C GLU A 127 -15.33 -0.35 -9.80
N LYS A 128 -16.17 -1.39 -9.90
CA LYS A 128 -17.56 -1.23 -9.50
C LYS A 128 -17.72 -0.94 -8.01
N LEU A 129 -16.73 -1.29 -7.18
CA LEU A 129 -16.84 -1.00 -5.75
C LEU A 129 -16.42 0.43 -5.43
N VAL A 130 -15.50 0.99 -6.21
CA VAL A 130 -15.14 2.39 -6.05
C VAL A 130 -16.20 3.28 -6.65
N ALA A 131 -16.73 2.89 -7.82
CA ALA A 131 -17.78 3.61 -8.53
C ALA A 131 -17.24 5.01 -8.85
N ASP A 132 -17.99 6.07 -8.59
CA ASP A 132 -17.62 7.42 -9.00
C ASP A 132 -17.13 8.19 -7.77
N ASN A 133 -16.02 7.74 -7.21
CA ASN A 133 -15.40 8.33 -6.05
C ASN A 133 -13.90 8.29 -6.21
N PRO A 134 -13.18 9.24 -5.62
CA PRO A 134 -11.73 9.08 -5.48
C PRO A 134 -11.44 7.95 -4.51
N PHE A 135 -10.30 7.31 -4.70
CA PHE A 135 -9.98 6.17 -3.86
C PHE A 135 -8.48 6.05 -3.72
N ALA A 136 -8.06 5.49 -2.60
CA ALA A 136 -6.66 5.18 -2.35
C ALA A 136 -6.33 3.82 -2.97
N VAL A 137 -5.08 3.67 -3.41
CA VAL A 137 -4.51 2.36 -3.72
C VAL A 137 -3.27 2.22 -2.85
N ILE A 138 -3.24 1.17 -2.05
CA ILE A 138 -2.16 0.96 -1.08
C ILE A 138 -1.57 -0.42 -1.30
N LEU A 139 -0.28 -0.47 -1.54
CA LEU A 139 0.46 -1.71 -1.76
C LEU A 139 1.14 -2.05 -0.44
N ALA A 140 0.57 -3.00 0.29
CA ALA A 140 1.07 -3.30 1.63
C ALA A 140 2.52 -3.80 1.59
N ASP A 141 2.98 -4.34 0.45
CA ASP A 141 4.38 -4.71 0.29
C ASP A 141 5.30 -3.51 0.51
N ASP A 142 4.85 -2.31 0.18
CA ASP A 142 5.57 -1.10 0.55
C ASP A 142 5.12 -0.73 1.96
N LEU A 143 5.94 -1.04 2.95
CA LEU A 143 5.64 -0.72 4.33
C LEU A 143 6.19 0.69 4.58
N LEU A 144 5.31 1.65 4.79
CA LEU A 144 5.73 3.03 4.97
C LEU A 144 5.67 3.40 6.43
N ASP A 145 6.75 3.97 6.91
CA ASP A 145 6.85 4.42 8.29
C ASP A 145 6.89 5.94 8.26
N GLY A 146 5.78 6.58 8.60
CA GLY A 146 5.72 8.02 8.63
C GLY A 146 4.85 8.51 9.78
N ASN A 147 5.21 9.69 10.28
CA ASN A 147 4.36 10.43 11.22
C ASN A 147 4.22 11.85 10.69
N PRO A 148 3.04 12.28 10.23
CA PRO A 148 1.80 11.49 10.16
C PRO A 148 1.88 10.37 9.13
N PRO A 149 0.96 9.42 9.21
CA PRO A 149 0.99 8.32 8.25
C PRO A 149 0.96 8.83 6.82
N VAL A 150 1.65 8.11 5.92
CA VAL A 150 1.85 8.62 4.56
C VAL A 150 0.52 8.88 3.86
N MET A 151 -0.42 7.93 3.92
CA MET A 151 -1.69 8.14 3.25
C MET A 151 -2.47 9.28 3.89
N LYS A 152 -2.25 9.54 5.17
CA LYS A 152 -2.87 10.72 5.78
C LYS A 152 -2.31 11.99 5.18
N GLN A 153 -0.98 12.06 5.02
CA GLN A 153 -0.35 13.18 4.33
C GLN A 153 -0.97 13.39 2.96
N MET A 154 -1.15 12.29 2.22
CA MET A 154 -1.63 12.37 0.84
C MET A 154 -3.10 12.78 0.81
N VAL A 155 -3.90 12.28 1.75
CA VAL A 155 -5.30 12.71 1.82
C VAL A 155 -5.39 14.20 2.11
N ASP A 156 -4.50 14.73 2.94
CA ASP A 156 -4.46 16.18 3.13
C ASP A 156 -4.11 16.90 1.83
N VAL A 157 -3.16 16.36 1.07
CA VAL A 157 -2.83 16.94 -0.23
C VAL A 157 -4.03 16.89 -1.16
N PHE A 158 -4.67 15.72 -1.23
CA PHE A 158 -5.84 15.58 -2.10
C PHE A 158 -6.95 16.54 -1.68
N ASP A 159 -7.23 16.66 -0.37
CA ASP A 159 -8.28 17.55 0.07
C ASP A 159 -8.01 18.99 -0.35
N HIS A 160 -6.74 19.35 -0.53
CA HIS A 160 -6.42 20.72 -0.94
C HIS A 160 -6.58 20.91 -2.45
N TYR A 161 -5.96 20.03 -3.24
CA TYR A 161 -5.88 20.23 -4.68
C TYR A 161 -6.93 19.46 -5.48
N HIS A 162 -7.55 18.44 -4.88
CA HIS A 162 -8.59 17.65 -5.55
C HIS A 162 -8.08 17.06 -6.85
N SER A 163 -6.84 16.62 -6.85
CA SER A 163 -6.27 15.91 -7.97
C SER A 163 -5.68 14.60 -7.45
N SER A 164 -5.56 13.65 -8.37
CA SER A 164 -4.88 12.41 -8.08
C SER A 164 -3.51 12.69 -7.49
N VAL A 165 -3.09 11.82 -6.57
CA VAL A 165 -1.83 11.99 -5.86
C VAL A 165 -1.04 10.70 -5.96
N ILE A 166 0.19 10.80 -6.42
CA ILE A 166 1.10 9.68 -6.57
C ILE A 166 2.23 9.88 -5.57
N GLY A 167 2.36 8.94 -4.63
CA GLY A 167 3.43 9.03 -3.66
C GLY A 167 4.76 8.76 -4.33
N VAL A 168 5.75 9.63 -4.09
CA VAL A 168 7.07 9.43 -4.65
C VAL A 168 8.13 9.62 -3.58
N GLU A 169 9.28 8.96 -3.79
CA GLU A 169 10.48 9.19 -3.01
C GLU A 169 11.67 9.41 -3.94
N GLU A 170 12.66 10.17 -3.44
CA GLU A 170 13.93 10.32 -4.14
C GLU A 170 14.72 9.03 -4.05
N ILE A 171 15.24 8.58 -5.19
CA ILE A 171 15.92 7.29 -5.29
C ILE A 171 17.30 7.56 -5.88
N PRO A 172 18.23 6.62 -5.74
CA PRO A 172 19.53 6.77 -6.40
C PRO A 172 19.34 6.80 -7.90
N PRO A 173 19.95 7.77 -8.58
CA PRO A 173 19.81 7.82 -10.06
C PRO A 173 20.21 6.53 -10.74
N SER A 174 21.12 5.77 -10.16
CA SER A 174 21.52 4.52 -10.79
C SER A 174 20.43 3.45 -10.75
N GLU A 175 19.33 3.66 -10.02
CA GLU A 175 18.36 2.60 -9.81
C GLU A 175 17.03 2.85 -10.49
N THR A 176 16.97 3.82 -11.41
CA THR A 176 15.68 4.25 -12.00
C THR A 176 15.02 3.14 -12.78
N LYS A 177 15.79 2.14 -13.20
CA LYS A 177 15.24 1.03 -13.94
C LYS A 177 14.37 0.13 -13.06
N SER A 178 14.36 0.37 -11.75
CA SER A 178 13.48 -0.37 -10.87
C SER A 178 12.20 0.38 -10.55
N TYR A 179 12.01 1.58 -11.10
CA TYR A 179 10.92 2.43 -10.63
C TYR A 179 10.17 3.07 -11.78
N GLY A 180 8.89 3.34 -11.54
CA GLY A 180 8.23 4.39 -12.29
C GLY A 180 8.79 5.74 -11.85
N ILE A 181 9.14 6.57 -12.82
CA ILE A 181 9.80 7.85 -12.59
C ILE A 181 8.88 8.94 -13.11
N VAL A 182 8.61 9.94 -12.28
CA VAL A 182 7.75 11.05 -12.67
C VAL A 182 8.58 12.22 -13.19
N ASP A 183 7.90 13.15 -13.83
CA ASP A 183 8.48 14.39 -14.34
C ASP A 183 7.43 15.47 -14.17
N GLY A 184 7.87 16.71 -14.04
CA GLY A 184 6.92 17.80 -14.05
C GLY A 184 7.50 19.05 -13.40
N LYS A 185 6.61 20.01 -13.19
CA LYS A 185 6.96 21.28 -12.58
C LYS A 185 6.86 21.17 -11.06
N GLU A 186 7.99 21.34 -10.39
CA GLU A 186 7.99 21.43 -8.94
C GLU A 186 7.12 22.60 -8.50
N TRP A 187 6.15 22.32 -7.63
CA TRP A 187 5.11 23.28 -7.25
C TRP A 187 5.32 23.78 -5.83
N GLU A 188 5.37 22.89 -4.86
CA GLU A 188 5.87 23.21 -3.54
C GLU A 188 7.16 22.45 -3.35
N GLU A 189 7.74 22.51 -2.15
CA GLU A 189 8.91 21.69 -1.86
C GLU A 189 8.62 20.21 -2.11
N SER A 190 7.39 19.77 -1.87
CA SER A 190 7.05 18.35 -1.92
C SER A 190 5.94 18.02 -2.91
N ILE A 191 5.49 18.97 -3.73
CA ILE A 191 4.46 18.74 -4.74
C ILE A 191 5.04 18.97 -6.12
N VAL A 192 4.98 17.94 -6.97
CA VAL A 192 5.31 18.06 -8.38
C VAL A 192 4.00 17.96 -9.17
N LYS A 193 3.74 18.96 -10.01
CA LYS A 193 2.65 18.85 -10.98
C LYS A 193 3.16 18.06 -12.16
N MET A 194 2.64 16.86 -12.34
CA MET A 194 3.27 15.88 -13.21
C MET A 194 3.00 16.15 -14.68
N SER A 195 4.06 16.09 -15.48
CA SER A 195 3.96 16.13 -16.93
C SER A 195 4.17 14.76 -17.57
N ALA A 196 4.69 13.80 -16.82
CA ALA A 196 4.96 12.48 -17.37
C ALA A 196 5.28 11.53 -16.25
N ILE A 197 4.98 10.26 -16.48
CA ILE A 197 5.46 9.16 -15.67
C ILE A 197 5.99 8.12 -16.65
N VAL A 198 7.22 7.66 -16.44
CA VAL A 198 7.88 6.76 -17.37
C VAL A 198 8.28 5.50 -16.59
N GLU A 199 7.93 4.35 -17.13
CA GLU A 199 8.15 3.09 -16.45
C GLU A 199 9.58 2.61 -16.64
N LYS A 200 10.32 2.55 -15.55
CA LYS A 200 11.64 1.94 -15.52
C LYS A 200 12.61 2.43 -16.59
N PRO A 201 12.89 3.73 -16.64
CA PRO A 201 13.84 4.24 -17.62
C PRO A 201 15.26 3.92 -17.22
N ALA A 202 16.11 3.74 -18.22
CA ALA A 202 17.53 3.66 -17.98
C ALA A 202 18.00 4.92 -17.26
N PRO A 203 19.01 4.80 -16.37
CA PRO A 203 19.47 6.00 -15.62
C PRO A 203 19.74 7.21 -16.51
N GLU A 204 20.39 7.02 -17.65
CA GLU A 204 20.82 8.18 -18.44
C GLU A 204 19.63 8.93 -19.06
N VAL A 205 18.46 8.31 -19.17
CA VAL A 205 17.29 9.01 -19.73
C VAL A 205 16.18 9.20 -18.70
N ALA A 206 16.45 8.98 -17.42
CA ALA A 206 15.41 9.19 -16.41
C ALA A 206 15.12 10.69 -16.25
N PRO A 207 13.86 11.09 -16.33
CA PRO A 207 13.53 12.53 -16.26
C PRO A 207 13.69 13.13 -14.87
N SER A 208 13.80 12.32 -13.83
CA SER A 208 14.03 12.82 -12.48
C SER A 208 14.60 11.67 -11.66
N ASN A 209 14.80 11.94 -10.37
CA ASN A 209 15.11 10.92 -9.38
C ASN A 209 13.91 10.59 -8.48
N LEU A 210 12.70 10.91 -8.91
CA LEU A 210 11.51 10.71 -8.08
C LEU A 210 10.84 9.41 -8.51
N GLY A 211 10.97 8.38 -7.68
CA GLY A 211 10.39 7.08 -7.96
C GLY A 211 9.05 6.89 -7.28
N VAL A 212 8.13 6.27 -8.02
CA VAL A 212 6.79 6.00 -7.53
C VAL A 212 6.84 4.87 -6.51
N VAL A 213 6.10 5.03 -5.40
CA VAL A 213 5.94 3.97 -4.41
C VAL A 213 4.48 3.59 -4.36
N GLY A 214 4.19 2.51 -3.63
CA GLY A 214 2.87 1.91 -3.61
C GLY A 214 1.81 2.65 -2.81
N ARG A 215 1.70 3.95 -3.04
CA ARG A 215 0.67 4.78 -2.43
C ARG A 215 0.10 5.69 -3.51
N TYR A 216 -1.22 5.65 -3.69
CA TYR A 216 -1.87 6.45 -4.72
C TYR A 216 -3.22 6.92 -4.20
N ILE A 217 -3.60 8.12 -4.62
CA ILE A 217 -5.00 8.53 -4.57
C ILE A 217 -5.40 8.84 -6.00
N LEU A 218 -6.39 8.11 -6.52
CA LEU A 218 -6.80 8.21 -7.92
C LEU A 218 -8.24 8.67 -8.04
N LYS A 219 -8.47 9.58 -8.94
CA LYS A 219 -9.84 9.91 -9.25
C LYS A 219 -10.41 8.87 -10.21
N PRO A 220 -11.73 8.67 -10.21
CA PRO A 220 -12.31 7.52 -10.91
C PRO A 220 -12.08 7.50 -12.42
N ARG A 221 -11.73 8.64 -13.05
CA ARG A 221 -11.43 8.61 -14.48
C ARG A 221 -10.27 7.69 -14.83
N ILE A 222 -9.50 7.22 -13.83
CA ILE A 222 -8.44 6.26 -14.08
C ILE A 222 -8.98 4.96 -14.68
N PHE A 223 -10.25 4.64 -14.45
CA PHE A 223 -10.75 3.34 -14.88
C PHE A 223 -10.95 3.31 -16.40
N GLU A 224 -11.43 4.39 -17.00
CA GLU A 224 -11.59 4.40 -18.44
C GLU A 224 -10.25 4.25 -19.14
N HIS A 225 -9.18 4.78 -18.54
CA HIS A 225 -7.85 4.62 -19.13
C HIS A 225 -7.29 3.23 -18.87
N LEU A 226 -7.72 2.56 -17.80
CA LEU A 226 -7.30 1.18 -17.56
C LEU A 226 -7.96 0.23 -18.55
N ARG A 227 -9.29 0.31 -18.68
CA ARG A 227 -9.98 -0.56 -19.63
C ARG A 227 -9.53 -0.32 -21.06
N ALA A 228 -9.05 0.89 -21.38
CA ALA A 228 -8.71 1.22 -22.76
C ALA A 228 -7.34 0.68 -23.17
N LEU A 229 -6.44 0.45 -22.21
CA LEU A 229 -5.08 0.04 -22.55
C LEU A 229 -5.07 -1.31 -23.25
N LYS A 230 -4.08 -1.49 -24.14
CA LYS A 230 -3.88 -2.77 -24.82
C LYS A 230 -3.02 -3.67 -23.94
N PRO A 231 -3.53 -4.85 -23.52
CA PRO A 231 -2.87 -5.76 -22.58
C PRO A 231 -1.47 -6.21 -23.01
N GLU A 236 -1.11 -8.04 -18.91
CA GLU A 236 -0.60 -7.11 -17.91
C GLU A 236 -0.81 -5.66 -18.32
N LEU A 237 -1.94 -5.10 -17.89
CA LEU A 237 -2.18 -3.67 -18.00
C LEU A 237 -1.24 -2.91 -17.06
N GLN A 238 -0.61 -1.85 -17.57
CA GLN A 238 0.36 -1.08 -16.80
C GLN A 238 -0.32 0.11 -16.13
N LEU A 239 -0.30 0.14 -14.80
CA LEU A 239 -0.88 1.26 -14.07
C LEU A 239 -0.19 2.57 -14.46
N THR A 240 1.12 2.53 -14.66
CA THR A 240 1.85 3.69 -15.16
C THR A 240 1.21 4.26 -16.41
N ASP A 241 0.86 3.40 -17.38
CA ASP A 241 0.28 3.89 -18.62
C ASP A 241 -1.05 4.57 -18.39
N ALA A 242 -1.87 4.02 -17.48
CA ALA A 242 -3.14 4.67 -17.18
C ALA A 242 -2.93 6.04 -16.56
N ILE A 243 -1.96 6.13 -15.64
CA ILE A 243 -1.62 7.42 -15.03
C ILE A 243 -1.14 8.40 -16.08
N GLN A 244 -0.22 7.96 -16.94
CA GLN A 244 0.26 8.81 -18.03
C GLN A 244 -0.90 9.29 -18.89
N ALA A 245 -1.86 8.41 -19.17
CA ALA A 245 -3.01 8.82 -19.97
C ALA A 245 -3.87 9.82 -19.21
N LEU A 246 -4.05 9.59 -17.92
CA LEU A 246 -4.91 10.46 -17.12
C LEU A 246 -4.37 11.88 -17.08
N LEU A 247 -3.06 12.03 -16.92
CA LEU A 247 -2.53 13.38 -16.79
C LEU A 247 -2.62 14.17 -18.09
N ALA A 248 -2.95 13.53 -19.20
CA ALA A 248 -3.28 14.28 -20.40
C ALA A 248 -4.62 14.98 -20.28
N ASP A 249 -5.53 14.45 -19.45
CA ASP A 249 -6.87 15.01 -19.32
C ASP A 249 -7.04 15.88 -18.09
N GLU A 250 -6.19 15.73 -17.07
CA GLU A 250 -6.39 16.49 -15.85
C GLU A 250 -5.11 16.46 -15.02
N GLN A 251 -5.01 17.42 -14.12
CA GLN A 251 -3.88 17.51 -13.22
C GLN A 251 -3.69 16.22 -12.41
N VAL A 252 -2.45 15.74 -12.35
CA VAL A 252 -2.02 14.68 -11.45
C VAL A 252 -0.79 15.18 -10.70
N LEU A 253 -0.77 14.96 -9.38
CA LEU A 253 0.32 15.43 -8.55
C LEU A 253 1.20 14.27 -8.06
N ALA A 254 2.51 14.50 -8.07
CA ALA A 254 3.45 13.65 -7.36
C ALA A 254 3.74 14.29 -6.01
N TYR A 255 3.71 13.48 -4.95
CA TYR A 255 3.88 13.97 -3.58
C TYR A 255 5.10 13.30 -2.95
N LYS A 256 6.12 14.11 -2.63
CA LYS A 256 7.32 13.61 -1.96
C LYS A 256 6.97 13.49 -0.48
N TYR A 257 6.52 12.31 -0.08
CA TYR A 257 6.05 12.11 1.28
C TYR A 257 7.20 12.17 2.28
N GLN A 258 6.83 12.51 3.51
CA GLN A 258 7.74 12.43 4.65
C GLN A 258 7.60 11.05 5.29
N GLY A 259 8.70 10.32 5.34
CA GLY A 259 8.69 9.01 5.95
C GLY A 259 9.69 8.10 5.24
N THR A 260 9.68 6.84 5.67
CA THR A 260 10.64 5.86 5.18
C THR A 260 9.89 4.65 4.63
N ARG A 261 10.33 4.21 3.47
CA ARG A 261 9.74 3.07 2.78
C ARG A 261 10.63 1.85 2.99
N TYR A 262 10.00 0.72 3.28
CA TYR A 262 10.65 -0.57 3.33
C TYR A 262 10.03 -1.42 2.24
N ASP A 263 10.86 -1.79 1.26
CA ASP A 263 10.45 -2.62 0.13
C ASP A 263 10.32 -4.06 0.60
N CYS A 264 9.16 -4.37 1.16
CA CYS A 264 8.89 -5.71 1.66
C CYS A 264 8.41 -6.65 0.57
N GLY A 265 8.37 -6.17 -0.68
CA GLY A 265 8.27 -7.07 -1.80
C GLY A 265 9.46 -7.99 -1.89
N SER A 266 10.61 -7.51 -1.42
CA SER A 266 11.86 -8.27 -1.45
C SER A 266 12.24 -8.69 -0.03
N LYS A 267 13.08 -9.73 0.04
CA LYS A 267 13.54 -10.24 1.32
C LYS A 267 14.33 -9.18 2.09
N LEU A 268 15.20 -8.43 1.41
CA LEU A 268 16.06 -7.50 2.13
C LEU A 268 15.26 -6.40 2.80
N GLY A 269 14.37 -5.74 2.05
CA GLY A 269 13.53 -4.72 2.67
C GLY A 269 12.70 -5.27 3.81
N TYR A 270 12.15 -6.47 3.63
CA TYR A 270 11.44 -7.15 4.70
C TYR A 270 12.31 -7.28 5.94
N LEU A 271 13.57 -7.70 5.77
CA LEU A 271 14.48 -7.83 6.91
C LEU A 271 14.78 -6.49 7.55
N LYS A 272 15.09 -5.47 6.73
CA LYS A 272 15.32 -4.14 7.28
C LYS A 272 14.10 -3.69 8.08
N ALA A 273 12.90 -3.94 7.56
CA ALA A 273 11.69 -3.51 8.25
C ALA A 273 11.55 -4.22 9.59
N THR A 274 11.78 -5.53 9.59
CA THR A 274 11.77 -6.28 10.83
C THR A 274 12.74 -5.68 11.85
N VAL A 275 13.99 -5.42 11.42
CA VAL A 275 14.98 -4.87 12.35
C VAL A 275 14.52 -3.51 12.87
N GLU A 276 14.19 -2.59 11.96
CA GLU A 276 13.82 -1.25 12.39
C GLU A 276 12.57 -1.25 13.25
N PHE A 277 11.56 -2.03 12.88
CA PHE A 277 10.33 -2.01 13.67
C PHE A 277 10.51 -2.75 14.99
N ALA A 278 11.34 -3.80 15.03
CA ALA A 278 11.60 -4.47 16.30
C ALA A 278 12.26 -3.52 17.28
N LEU A 279 13.15 -2.66 16.79
CA LEU A 279 13.88 -1.75 17.67
C LEU A 279 12.95 -0.74 18.32
N ARG A 280 11.88 -0.35 17.64
CA ARG A 280 10.93 0.59 18.20
C ARG A 280 9.75 -0.10 18.89
N HIS A 281 9.81 -1.42 19.05
CA HIS A 281 8.70 -2.15 19.66
C HIS A 281 8.77 -2.06 21.19
N PRO A 282 7.67 -1.70 21.86
CA PRO A 282 7.76 -1.50 23.32
C PRO A 282 8.13 -2.77 24.08
N GLU A 283 7.65 -3.92 23.61
CA GLU A 283 7.86 -5.15 24.36
C GLU A 283 9.30 -5.66 24.21
N VAL A 284 9.89 -5.61 23.00
CA VAL A 284 11.19 -6.23 22.76
C VAL A 284 12.27 -5.25 22.33
N GLY A 285 11.95 -3.96 22.18
CA GLY A 285 12.94 -3.02 21.66
C GLY A 285 14.26 -3.08 22.39
N THR A 286 14.23 -2.94 23.72
CA THR A 286 15.47 -2.85 24.50
C THR A 286 16.34 -4.09 24.30
N GLU A 287 15.77 -5.27 24.52
CA GLU A 287 16.59 -6.49 24.46
C GLU A 287 17.13 -6.72 23.06
N PHE A 288 16.30 -6.53 22.03
CA PHE A 288 16.75 -6.74 20.66
C PHE A 288 17.90 -5.80 20.31
N ASP A 289 17.80 -4.54 20.75
CA ASP A 289 18.92 -3.63 20.59
C ASP A 289 20.17 -4.17 21.28
N ALA A 290 20.02 -4.62 22.55
CA ALA A 290 21.17 -5.16 23.26
C ALA A 290 21.74 -6.37 22.56
N TYR A 291 20.87 -7.25 22.05
CA TYR A 291 21.32 -8.42 21.30
C TYR A 291 22.08 -8.01 20.05
N LEU A 292 21.58 -7.01 19.32
CA LEU A 292 22.23 -6.59 18.09
C LEU A 292 23.64 -6.06 18.35
N ARG A 293 23.82 -5.30 19.43
CA ARG A 293 25.13 -4.76 19.76
C ARG A 293 26.13 -5.88 20.03
N THR A 294 25.72 -6.89 20.80
CA THR A 294 26.63 -7.88 21.35
C THR A 294 26.74 -9.15 20.51
N ARG A 295 26.19 -9.16 19.30
CA ARG A 295 26.25 -10.39 18.51
C ARG A 295 27.54 -10.48 17.72
PA UTP B . 4.06 -7.61 -7.92
O1A UTP B . 5.45 -7.06 -7.71
O2A UTP B . 3.37 -7.46 -9.21
O3A UTP B . 4.10 -9.16 -7.57
O5' UTP B . 3.17 -6.97 -6.75
PB UTP B . 4.65 -9.94 -6.29
O1B UTP B . 3.46 -10.49 -5.50
O2B UTP B . 5.62 -9.13 -5.52
O3B UTP B . 5.32 -11.16 -7.03
PG UTP B . 6.76 -11.81 -6.82
O1G UTP B . 6.65 -13.06 -7.69
O2G UTP B . 7.78 -10.86 -7.40
O3G UTP B . 7.01 -12.10 -5.33
C5' UTP B . 2.91 -5.56 -6.60
C4' UTP B . 1.51 -5.34 -6.08
O4' UTP B . 0.55 -5.75 -7.07
C1' UTP B . -0.29 -6.76 -6.54
C2' UTP B . 0.48 -7.36 -5.36
O2' UTP B . -0.40 -7.95 -4.39
C3' UTP B . 1.15 -6.10 -4.81
O3' UTP B . 0.21 -5.33 -4.06
N1 UTP B . -0.62 -7.69 -7.61
C6 UTP B . 0.35 -8.15 -8.48
C2 UTP B . -1.94 -8.07 -7.74
O2 UTP B . -2.82 -7.72 -6.96
N3 UTP B . -2.20 -8.91 -8.80
C4 UTP B . -1.28 -9.41 -9.71
O4 UTP B . -1.66 -10.17 -10.60
C5 UTP B . 0.06 -8.98 -9.50
#